data_4F8X
#
_entry.id   4F8X
#
_cell.length_a   51.230
_cell.length_b   60.290
_cell.length_c   55.620
_cell.angle_alpha   90.00
_cell.angle_beta   115.20
_cell.angle_gamma   90.00
#
_symmetry.space_group_name_H-M   'P 1 21 1'
#
loop_
_entity.id
_entity.type
_entity.pdbx_description
1 polymer Endo-1,4-beta-xylanase
2 branched beta-D-mannopyranose-(1-3)-[beta-D-mannopyranose-(1-6)]beta-D-mannopyranose-(1-4)-2-acetamido-2-deoxy-beta-D-glucopyranose-(1-4)-2-acetamido-2-deoxy-beta-D-glucopyranose
3 non-polymer 2-acetamido-2-deoxy-beta-D-glucopyranose
4 water water
#
_entity_poly.entity_id   1
_entity_poly.type   'polypeptide(L)'
_entity_poly.pdbx_seq_one_letter_code
;DIDLNKLAQRRGKHWFGTAADIPGTAETTDAAYLKVLKQNFGEITPANAMKFMYTETEQNVFNFTEGEQFLEVAERFGSK
VRCHNLVWASQVSDFVTSKTWTAKELTAVMKNHIFKTVQHFGRRCYSWDVVNEALNGDGTFSSSVWYDTIGEEYFYLAFK
YAQEALAQIGANDVKLYYNDYGIENPGTKSTAVLQLVSNLRKRGIRIDGVGLESHFIVGETPSLADQLATKQAYIKANLD
VAVTELDVRFSTVPYYTAAAQKQQAEDYYVSVASCMNAGPRCIGVVVWDFDDAYSWVPSAFAGQGGACLFNNTLEAKPAY
YAVADALEGKPCSVC
;
_entity_poly.pdbx_strand_id   A
#
loop_
_chem_comp.id
_chem_comp.type
_chem_comp.name
_chem_comp.formula
BMA D-saccharide, beta linking beta-D-mannopyranose 'C6 H12 O6'
NAG D-saccharide, beta linking 2-acetamido-2-deoxy-beta-D-glucopyranose 'C8 H15 N O6'
#
# COMPACT_ATOMS: atom_id res chain seq x y z
N ASP A 1 -12.14 -24.90 5.10
CA ASP A 1 -11.11 -23.81 4.95
C ASP A 1 -11.26 -22.93 3.68
N ILE A 2 -11.11 -21.63 3.90
CA ILE A 2 -10.97 -20.63 2.86
C ILE A 2 -9.56 -20.07 2.97
N ASP A 3 -8.97 -19.83 1.82
CA ASP A 3 -7.65 -19.19 1.67
C ASP A 3 -7.86 -18.06 0.63
N LEU A 4 -7.93 -16.82 1.09
CA LEU A 4 -8.21 -15.71 0.14
C LEU A 4 -7.24 -15.62 -1.02
N ASN A 5 -5.94 -15.78 -0.72
CA ASN A 5 -4.93 -15.74 -1.75
C ASN A 5 -5.14 -16.85 -2.79
N LYS A 6 -5.46 -18.07 -2.33
CA LYS A 6 -5.73 -19.18 -3.25
C LYS A 6 -6.86 -18.82 -4.18
N LEU A 7 -7.93 -18.22 -3.63
CA LEU A 7 -9.05 -17.81 -4.47
C LEU A 7 -8.65 -16.73 -5.47
N ALA A 8 -7.87 -15.74 -5.03
CA ALA A 8 -7.45 -14.64 -5.90
C ALA A 8 -6.63 -15.18 -7.08
N GLN A 9 -5.72 -16.09 -6.78
CA GLN A 9 -4.84 -16.67 -7.80
C GLN A 9 -5.59 -17.53 -8.83
N ARG A 10 -6.65 -18.18 -8.38
CA ARG A 10 -7.47 -19.01 -9.26
C ARG A 10 -8.20 -18.12 -10.26
N ARG A 11 -8.38 -16.84 -9.93
CA ARG A 11 -9.11 -15.92 -10.79
C ARG A 11 -8.28 -14.76 -11.36
N GLY A 12 -7.02 -15.04 -11.62
CA GLY A 12 -6.18 -14.20 -12.49
C GLY A 12 -5.31 -13.18 -11.75
N LYS A 13 -5.43 -13.11 -10.44
CA LYS A 13 -4.68 -12.13 -9.68
C LYS A 13 -3.34 -12.67 -9.20
N HIS A 14 -2.40 -11.76 -8.96
CA HIS A 14 -1.13 -12.14 -8.42
C HIS A 14 -1.29 -12.74 -7.05
N TRP A 15 -2.14 -12.12 -6.23
CA TRP A 15 -2.21 -12.48 -4.80
C TRP A 15 -3.39 -11.78 -4.15
N PHE A 16 -3.72 -12.25 -2.96
CA PHE A 16 -4.39 -11.43 -1.96
C PHE A 16 -3.38 -11.21 -0.87
N GLY A 17 -3.23 -9.96 -0.48
CA GLY A 17 -2.17 -9.55 0.43
C GLY A 17 -2.64 -8.81 1.69
N THR A 18 -1.69 -8.60 2.60
CA THR A 18 -1.86 -7.79 3.77
C THR A 18 -0.58 -7.06 4.15
N ALA A 19 -0.76 -5.87 4.73
CA ALA A 19 0.33 -5.33 5.58
C ALA A 19 0.47 -6.18 6.85
N ALA A 20 1.71 -6.24 7.36
CA ALA A 20 1.95 -6.79 8.69
C ALA A 20 2.96 -5.87 9.36
N ASP A 21 2.71 -5.51 10.62
CA ASP A 21 3.59 -4.64 11.40
C ASP A 21 4.60 -5.53 12.19
N ILE A 22 5.46 -6.18 11.40
CA ILE A 22 6.52 -7.09 11.84
C ILE A 22 7.82 -6.47 11.37
N PRO A 23 8.82 -6.34 12.26
CA PRO A 23 8.92 -6.87 13.62
C PRO A 23 8.57 -5.90 14.73
N GLY A 24 7.92 -4.80 14.39
CA GLY A 24 7.63 -3.71 15.30
C GLY A 24 6.62 -4.01 16.40
N THR A 25 5.72 -4.94 16.15
CA THR A 25 4.63 -5.22 17.10
C THR A 25 4.64 -6.68 17.52
N ALA A 26 3.76 -7.00 18.46
CA ALA A 26 3.58 -8.35 18.96
C ALA A 26 3.08 -9.36 17.93
N GLU A 27 2.71 -8.92 16.71
CA GLU A 27 2.34 -9.85 15.65
C GLU A 27 3.49 -10.80 15.40
N THR A 28 4.70 -10.27 15.60
CA THR A 28 5.95 -10.96 15.28
C THR A 28 6.02 -12.31 15.95
N THR A 29 5.41 -12.41 17.14
CA THR A 29 5.41 -13.64 17.93
C THR A 29 4.00 -14.11 18.34
N ASP A 30 2.97 -13.65 17.62
CA ASP A 30 1.62 -14.00 17.90
C ASP A 30 1.25 -15.15 17.01
N ALA A 31 1.31 -16.35 17.57
CA ALA A 31 1.18 -17.53 16.75
C ALA A 31 -0.15 -17.58 16.04
N ALA A 32 -1.22 -17.19 16.71
CA ALA A 32 -2.55 -17.27 16.14
C ALA A 32 -2.65 -16.32 14.92
N TYR A 33 -2.14 -15.12 15.14
CA TYR A 33 -2.05 -14.12 14.03
C TYR A 33 -1.26 -14.71 12.86
N LEU A 34 -0.07 -15.24 13.16
CA LEU A 34 0.78 -15.77 12.11
C LEU A 34 0.13 -16.94 11.37
N LYS A 35 -0.70 -17.74 12.05
CA LYS A 35 -1.36 -18.81 11.38
C LYS A 35 -2.40 -18.30 10.37
N VAL A 36 -3.16 -17.29 10.75
CA VAL A 36 -4.13 -16.70 9.80
C VAL A 36 -3.39 -16.02 8.63
N LEU A 37 -2.28 -15.37 8.93
CA LEU A 37 -1.43 -14.72 7.92
C LEU A 37 -0.96 -15.76 6.88
N LYS A 38 -0.40 -16.86 7.35
CA LYS A 38 0.06 -17.88 6.41
C LYS A 38 -1.08 -18.51 5.61
N GLN A 39 -2.22 -18.67 6.23
CA GLN A 39 -3.36 -19.35 5.65
C GLN A 39 -4.08 -18.57 4.54
N ASN A 40 -3.95 -17.24 4.54
CA ASN A 40 -4.79 -16.47 3.68
C ASN A 40 -4.08 -15.55 2.68
N PHE A 41 -2.76 -15.35 2.79
CA PHE A 41 -2.12 -14.24 2.05
C PHE A 41 -0.93 -14.74 1.25
N GLY A 42 -0.80 -14.20 0.06
CA GLY A 42 0.30 -14.47 -0.87
C GLY A 42 1.20 -13.26 -1.12
N GLU A 43 0.90 -12.16 -0.44
CA GLU A 43 1.70 -10.94 -0.47
C GLU A 43 1.67 -10.34 0.92
N ILE A 44 2.77 -9.74 1.34
CA ILE A 44 2.86 -9.02 2.58
C ILE A 44 3.62 -7.71 2.36
N THR A 45 3.01 -6.60 2.77
CA THR A 45 3.67 -5.31 2.79
C THR A 45 4.20 -5.04 4.19
N PRO A 46 5.48 -4.58 4.30
CA PRO A 46 5.94 -4.16 5.62
C PRO A 46 5.21 -2.87 6.08
N ALA A 47 4.47 -2.93 7.19
CA ALA A 47 3.73 -1.72 7.61
C ALA A 47 4.70 -0.61 7.95
N ASN A 48 5.89 -0.97 8.44
CA ASN A 48 6.90 0.02 8.89
C ASN A 48 8.36 -0.29 8.61
N ALA A 49 8.73 -1.57 8.48
CA ALA A 49 10.12 -1.98 8.57
C ALA A 49 11.06 -1.48 7.48
N MET A 50 10.51 -1.02 6.35
CA MET A 50 11.36 -0.51 5.26
C MET A 50 11.28 0.99 5.10
N LYS A 51 10.60 1.64 6.04
CA LYS A 51 10.48 3.08 5.98
C LYS A 51 11.80 3.76 6.30
N PHE A 52 11.92 5.01 5.92
CA PHE A 52 13.17 5.75 6.01
C PHE A 52 13.74 5.66 7.44
N MET A 53 12.90 5.94 8.45
CA MET A 53 13.34 5.97 9.85
C MET A 53 13.74 4.60 10.40
N TYR A 54 13.45 3.50 9.68
CA TYR A 54 13.92 2.16 10.09
C TYR A 54 15.00 1.59 9.20
N THR A 55 15.46 2.37 8.22
CA THR A 55 16.51 1.92 7.28
C THR A 55 17.76 2.80 7.32
N GLU A 56 17.58 4.11 7.50
CA GLU A 56 18.70 5.07 7.49
C GLU A 56 18.52 6.01 8.66
N THR A 57 18.98 5.63 9.85
CA THR A 57 18.64 6.39 11.06
C THR A 57 19.63 7.52 11.32
N GLU A 58 20.82 7.44 10.75
CA GLU A 58 21.74 8.55 10.73
C GLU A 58 22.22 8.73 9.28
N GLN A 59 22.77 9.88 8.93
CA GLN A 59 23.03 10.16 7.56
C GLN A 59 24.06 9.20 6.97
N ASN A 60 23.64 8.47 5.91
CA ASN A 60 24.45 7.46 5.25
C ASN A 60 24.83 6.28 6.13
N VAL A 61 24.07 6.04 7.19
CA VAL A 61 24.28 4.91 8.08
C VAL A 61 23.02 4.06 7.95
N PHE A 62 23.17 2.91 7.28
CA PHE A 62 22.08 2.02 7.00
C PHE A 62 22.06 0.82 7.92
N ASN A 63 20.89 0.52 8.43
CA ASN A 63 20.68 -0.65 9.23
C ASN A 63 19.38 -1.27 8.73
N PHE A 64 19.50 -2.38 8.04
CA PHE A 64 18.37 -3.06 7.41
C PHE A 64 17.85 -4.21 8.24
N THR A 65 18.24 -4.29 9.52
CA THR A 65 17.84 -5.40 10.37
C THR A 65 16.32 -5.59 10.44
N GLU A 66 15.57 -4.50 10.63
CA GLU A 66 14.12 -4.65 10.73
C GLU A 66 13.53 -5.18 9.43
N GLY A 67 13.93 -4.61 8.30
CA GLY A 67 13.48 -5.06 7.01
C GLY A 67 13.83 -6.53 6.72
N GLU A 68 15.04 -6.93 7.10
CA GLU A 68 15.44 -8.34 6.94
C GLU A 68 14.62 -9.26 7.81
N GLN A 69 14.33 -8.82 9.03
CA GLN A 69 13.48 -9.63 9.88
C GLN A 69 12.08 -9.79 9.27
N PHE A 70 11.51 -8.67 8.79
CA PHE A 70 10.23 -8.75 8.10
C PHE A 70 10.29 -9.71 6.92
N LEU A 71 11.29 -9.54 6.07
CA LEU A 71 11.39 -10.38 4.87
C LEU A 71 11.52 -11.86 5.15
N GLU A 72 12.18 -12.21 6.22
CA GLU A 72 12.27 -13.64 6.50
C GLU A 72 10.86 -14.23 6.76
N VAL A 73 10.02 -13.51 7.52
CA VAL A 73 8.65 -13.97 7.76
C VAL A 73 7.90 -14.08 6.43
N ALA A 74 7.91 -13.01 5.63
CA ALA A 74 7.18 -13.02 4.38
C ALA A 74 7.65 -14.11 3.44
N GLU A 75 8.96 -14.25 3.32
CA GLU A 75 9.55 -15.25 2.38
C GLU A 75 9.37 -16.69 2.85
N ARG A 76 9.47 -16.87 4.15
CA ARG A 76 9.20 -18.20 4.72
C ARG A 76 7.80 -18.68 4.40
N PHE A 77 6.85 -17.73 4.36
CA PHE A 77 5.48 -18.00 3.98
C PHE A 77 5.23 -18.03 2.48
N GLY A 78 6.27 -17.81 1.67
CA GLY A 78 6.16 -17.81 0.19
C GLY A 78 5.44 -16.60 -0.39
N SER A 79 5.45 -15.49 0.35
CA SER A 79 4.68 -14.33 -0.09
C SER A 79 5.56 -13.33 -0.82
N LYS A 80 5.02 -12.77 -1.89
CA LYS A 80 5.64 -11.66 -2.57
C LYS A 80 5.58 -10.42 -1.65
N VAL A 81 6.46 -9.47 -1.89
CA VAL A 81 6.55 -8.27 -1.07
C VAL A 81 6.47 -6.99 -1.89
N ARG A 82 5.50 -6.15 -1.54
CA ARG A 82 5.43 -4.77 -2.00
C ARG A 82 6.27 -3.95 -1.05
N CYS A 83 7.50 -3.65 -1.47
CA CYS A 83 8.35 -2.84 -0.59
C CYS A 83 7.78 -1.43 -0.49
N HIS A 84 7.86 -0.84 0.69
CA HIS A 84 7.13 0.37 1.02
C HIS A 84 7.90 1.04 2.15
N ASN A 85 8.26 2.32 2.09
CA ASN A 85 8.19 3.21 0.96
C ASN A 85 9.47 4.05 1.01
N LEU A 86 9.84 4.72 -0.09
CA LEU A 86 11.12 5.45 -0.12
C LEU A 86 11.00 6.90 0.31
N VAL A 87 10.12 7.65 -0.30
CA VAL A 87 9.97 9.09 -0.14
C VAL A 87 8.54 9.44 0.30
N TRP A 88 8.43 9.98 1.51
CA TRP A 88 7.17 10.31 2.15
C TRP A 88 7.38 11.42 3.18
N ALA A 89 6.32 12.17 3.49
CA ALA A 89 6.40 13.24 4.49
C ALA A 89 6.55 12.69 5.89
N SER A 90 5.97 11.51 6.18
CA SER A 90 6.00 10.95 7.52
C SER A 90 7.13 9.93 7.67
N GLN A 91 7.46 9.66 8.92
CA GLN A 91 8.42 8.61 9.27
C GLN A 91 9.78 8.76 8.56
N VAL A 92 10.22 10.01 8.38
CA VAL A 92 11.57 10.38 7.95
C VAL A 92 12.45 10.50 9.19
N SER A 93 13.69 10.05 9.07
CA SER A 93 14.64 10.17 10.17
C SER A 93 14.86 11.61 10.61
N ASP A 94 15.19 11.70 11.89
CA ASP A 94 15.38 12.96 12.53
C ASP A 94 16.50 13.76 11.89
N PHE A 95 17.53 13.09 11.38
CA PHE A 95 18.65 13.82 10.74
C PHE A 95 18.20 14.65 9.55
N VAL A 96 17.11 14.18 8.88
CA VAL A 96 16.60 14.92 7.75
C VAL A 96 15.72 16.10 8.24
N THR A 97 14.75 15.80 9.08
CA THR A 97 13.72 16.79 9.39
C THR A 97 14.22 17.80 10.39
N SER A 98 15.25 17.44 11.10
CA SER A 98 15.71 18.35 12.14
C SER A 98 17.04 18.95 11.74
N LYS A 99 17.23 19.13 10.44
CA LYS A 99 18.36 19.84 9.86
C LYS A 99 17.85 20.73 8.79
N THR A 100 18.59 21.78 8.58
CA THR A 100 18.28 22.70 7.53
C THR A 100 19.07 22.26 6.25
N TRP A 101 18.45 22.39 5.05
CA TRP A 101 19.05 21.92 3.76
C TRP A 101 18.86 22.85 2.57
N THR A 102 19.85 22.92 1.68
CA THR A 102 19.62 23.41 0.34
C THR A 102 18.93 22.33 -0.53
N ALA A 103 18.30 22.72 -1.65
CA ALA A 103 17.72 21.76 -2.57
C ALA A 103 18.79 20.78 -3.04
N LYS A 104 19.98 21.26 -3.39
CA LYS A 104 21.05 20.41 -3.84
C LYS A 104 21.39 19.35 -2.79
N GLU A 105 21.59 19.77 -1.55
CA GLU A 105 22.00 18.82 -0.53
C GLU A 105 20.89 17.81 -0.25
N LEU A 106 19.64 18.25 -0.13
CA LEU A 106 18.58 17.29 0.21
C LEU A 106 18.30 16.36 -0.95
N THR A 107 18.45 16.84 -2.18
CA THR A 107 18.39 15.95 -3.36
C THR A 107 19.39 14.80 -3.23
N ALA A 108 20.61 15.11 -2.80
CA ALA A 108 21.64 14.10 -2.63
C ALA A 108 21.30 13.14 -1.52
N VAL A 109 20.75 13.64 -0.44
CA VAL A 109 20.29 12.78 0.66
C VAL A 109 19.27 11.76 0.13
N MET A 110 18.30 12.28 -0.63
CA MET A 110 17.19 11.49 -1.18
C MET A 110 17.78 10.43 -2.13
N LYS A 111 18.69 10.84 -2.99
CA LYS A 111 19.28 9.97 -3.97
C LYS A 111 20.03 8.84 -3.27
N ASN A 112 20.84 9.20 -2.30
CA ASN A 112 21.63 8.20 -1.57
C ASN A 112 20.72 7.20 -0.84
N HIS A 113 19.67 7.70 -0.20
CA HIS A 113 18.71 6.81 0.44
C HIS A 113 18.09 5.80 -0.51
N ILE A 114 17.64 6.30 -1.65
CA ILE A 114 17.01 5.46 -2.69
C ILE A 114 17.99 4.41 -3.17
N PHE A 115 19.19 4.83 -3.57
CA PHE A 115 20.12 3.88 -4.16
C PHE A 115 20.46 2.80 -3.15
N LYS A 116 20.82 3.16 -1.93
CA LYS A 116 21.28 2.17 -0.96
C LYS A 116 20.15 1.25 -0.55
N THR A 117 18.94 1.77 -0.38
CA THR A 117 17.84 0.97 0.08
C THR A 117 17.36 0.02 -1.02
N VAL A 118 17.15 0.55 -2.23
CA VAL A 118 16.70 -0.29 -3.34
C VAL A 118 17.75 -1.35 -3.66
N GLN A 119 19.01 -0.97 -3.67
CA GLN A 119 20.05 -1.96 -4.06
C GLN A 119 20.25 -2.98 -2.95
N HIS A 120 20.05 -2.59 -1.68
CA HIS A 120 20.18 -3.57 -0.61
C HIS A 120 19.20 -4.75 -0.76
N PHE A 121 17.94 -4.46 -0.98
CA PHE A 121 16.91 -5.49 -1.06
C PHE A 121 16.79 -6.11 -2.46
N GLY A 122 17.18 -5.34 -3.46
CA GLY A 122 17.17 -5.82 -4.83
C GLY A 122 15.85 -6.45 -5.23
N ARG A 123 15.93 -7.59 -5.94
CA ARG A 123 14.79 -8.27 -6.49
C ARG A 123 13.95 -8.99 -5.46
N ARG A 124 14.32 -8.97 -4.18
CA ARG A 124 13.44 -9.50 -3.14
C ARG A 124 12.16 -8.66 -3.03
N CYS A 125 12.25 -7.43 -3.56
CA CYS A 125 11.06 -6.56 -3.68
C CYS A 125 10.35 -6.83 -5.01
N TYR A 126 9.07 -7.16 -5.00
CA TYR A 126 8.27 -7.21 -6.23
C TYR A 126 8.18 -5.81 -6.83
N SER A 127 7.97 -4.86 -5.96
CA SER A 127 7.76 -3.48 -6.33
C SER A 127 8.22 -2.60 -5.19
N TRP A 128 8.39 -1.31 -5.50
CA TRP A 128 8.57 -0.24 -4.51
C TRP A 128 7.48 0.81 -4.64
N ASP A 129 6.97 1.24 -3.51
CA ASP A 129 6.21 2.51 -3.41
C ASP A 129 7.25 3.61 -3.27
N VAL A 130 7.57 4.21 -4.42
CA VAL A 130 8.69 5.13 -4.51
C VAL A 130 8.36 6.45 -3.81
N VAL A 131 7.29 7.09 -4.23
CA VAL A 131 6.79 8.27 -3.55
C VAL A 131 5.40 7.96 -3.03
N ASN A 132 5.15 8.38 -1.80
CA ASN A 132 3.93 8.07 -1.05
C ASN A 132 3.25 9.39 -0.73
N GLU A 133 1.99 9.54 -1.11
CA GLU A 133 1.11 10.63 -0.61
C GLU A 133 1.68 12.01 -0.89
N ALA A 134 1.92 12.29 -2.18
CA ALA A 134 2.54 13.52 -2.66
C ALA A 134 1.51 14.60 -3.03
N LEU A 135 0.23 14.27 -3.04
CA LEU A 135 -0.82 15.20 -3.51
C LEU A 135 -1.79 15.58 -2.45
N ASN A 136 -2.21 16.83 -2.52
CA ASN A 136 -3.43 17.29 -1.87
C ASN A 136 -4.65 16.86 -2.67
N GLY A 137 -5.83 16.92 -2.04
CA GLY A 137 -7.08 16.58 -2.71
C GLY A 137 -7.37 17.40 -3.95
N ASP A 138 -6.89 18.63 -4.00
CA ASP A 138 -7.04 19.48 -5.18
C ASP A 138 -6.02 19.26 -6.31
N GLY A 139 -5.16 18.25 -6.13
CA GLY A 139 -4.14 17.89 -7.13
C GLY A 139 -2.84 18.65 -7.10
N THR A 140 -2.71 19.58 -6.13
CA THR A 140 -1.49 20.32 -5.93
C THR A 140 -0.57 19.43 -5.09
N PHE A 141 0.71 19.75 -5.07
CA PHE A 141 1.66 18.97 -4.24
C PHE A 141 1.47 19.25 -2.78
N SER A 142 1.43 18.19 -1.99
CA SER A 142 1.27 18.33 -0.55
C SER A 142 2.64 18.57 0.12
N SER A 143 2.58 19.12 1.32
CA SER A 143 3.77 19.53 2.05
C SER A 143 4.54 18.30 2.52
N SER A 144 5.86 18.42 2.46
CA SER A 144 6.77 17.43 3.02
C SER A 144 8.14 18.06 3.09
N VAL A 145 9.01 17.46 3.86
CA VAL A 145 10.37 18.01 3.92
C VAL A 145 10.99 18.04 2.52
N TRP A 146 10.70 17.00 1.72
CA TRP A 146 11.18 16.87 0.39
C TRP A 146 10.64 17.97 -0.53
N TYR A 147 9.33 18.10 -0.59
CA TYR A 147 8.71 19.09 -1.47
C TYR A 147 9.07 20.50 -1.08
N ASP A 148 9.01 20.78 0.21
CA ASP A 148 9.16 22.18 0.72
C ASP A 148 10.59 22.68 0.45
N THR A 149 11.56 21.78 0.43
CA THR A 149 12.94 22.16 0.22
C THR A 149 13.33 22.08 -1.27
N ILE A 150 12.98 20.97 -1.92
CA ILE A 150 13.43 20.68 -3.27
C ILE A 150 12.49 21.24 -4.35
N GLY A 151 11.22 21.33 -4.01
CA GLY A 151 10.22 21.68 -4.98
C GLY A 151 9.76 20.45 -5.79
N GLU A 152 8.98 20.70 -6.84
CA GLU A 152 8.30 19.62 -7.59
C GLU A 152 9.25 18.57 -8.17
N GLU A 153 10.46 19.00 -8.49
CA GLU A 153 11.43 18.09 -9.05
C GLU A 153 11.72 16.88 -8.17
N TYR A 154 11.52 16.98 -6.87
CA TYR A 154 11.79 15.86 -5.96
C TYR A 154 11.01 14.63 -6.46
N PHE A 155 9.81 14.86 -6.96
CA PHE A 155 8.93 13.73 -7.28
C PHE A 155 9.45 12.93 -8.46
N TYR A 156 9.85 13.63 -9.51
CA TYR A 156 10.37 13.03 -10.70
C TYR A 156 11.74 12.39 -10.42
N LEU A 157 12.57 13.11 -9.68
CA LEU A 157 13.90 12.59 -9.31
C LEU A 157 13.82 11.31 -8.50
N ALA A 158 12.84 11.20 -7.60
CA ALA A 158 12.70 9.96 -6.81
C ALA A 158 12.55 8.76 -7.71
N PHE A 159 11.68 8.81 -8.67
CA PHE A 159 11.49 7.75 -9.64
C PHE A 159 12.70 7.54 -10.54
N LYS A 160 13.31 8.64 -10.98
CA LYS A 160 14.53 8.53 -11.82
C LYS A 160 15.63 7.77 -11.09
N TYR A 161 15.85 8.10 -9.82
CA TYR A 161 16.87 7.45 -8.99
C TYR A 161 16.55 6.01 -8.73
N ALA A 162 15.28 5.70 -8.43
CA ALA A 162 14.89 4.28 -8.23
C ALA A 162 15.12 3.47 -9.49
N GLN A 163 14.78 4.04 -10.63
CA GLN A 163 14.97 3.37 -11.91
C GLN A 163 16.49 3.14 -12.17
N GLU A 164 17.28 4.18 -11.95
CA GLU A 164 18.73 4.10 -12.20
C GLU A 164 19.36 3.09 -11.23
N ALA A 165 18.97 3.14 -9.95
CA ALA A 165 19.57 2.24 -8.96
C ALA A 165 19.28 0.77 -9.31
N LEU A 166 18.06 0.49 -9.75
CA LEU A 166 17.68 -0.86 -10.17
C LEU A 166 18.41 -1.25 -11.44
N ALA A 167 18.53 -0.34 -12.42
CA ALA A 167 19.26 -0.67 -13.66
C ALA A 167 20.68 -1.09 -13.36
N GLN A 168 21.31 -0.40 -12.42
CA GLN A 168 22.73 -0.64 -12.13
C GLN A 168 22.97 -2.06 -11.65
N ILE A 169 22.00 -2.66 -10.97
CA ILE A 169 22.14 -4.01 -10.41
C ILE A 169 21.36 -5.05 -11.22
N GLY A 170 20.88 -4.71 -12.40
CA GLY A 170 20.19 -5.72 -13.22
C GLY A 170 18.86 -6.13 -12.64
N ALA A 171 18.18 -5.14 -12.06
CA ALA A 171 16.87 -5.41 -11.42
C ALA A 171 15.76 -4.59 -12.03
N ASN A 172 15.74 -4.45 -13.36
CA ASN A 172 14.73 -3.63 -14.01
C ASN A 172 13.29 -4.13 -13.84
N ASP A 173 13.15 -5.42 -13.49
CA ASP A 173 11.84 -6.05 -13.33
C ASP A 173 11.16 -5.66 -11.99
N VAL A 174 11.87 -5.02 -11.07
CA VAL A 174 11.28 -4.50 -9.83
C VAL A 174 10.41 -3.31 -10.22
N LYS A 175 9.11 -3.38 -9.93
CA LYS A 175 8.18 -2.39 -10.44
C LYS A 175 8.16 -1.15 -9.59
N LEU A 176 7.91 0.00 -10.22
CA LEU A 176 7.91 1.29 -9.55
C LEU A 176 6.49 1.84 -9.50
N TYR A 177 6.03 2.08 -8.27
CA TYR A 177 4.68 2.56 -8.01
C TYR A 177 4.65 3.91 -7.32
N TYR A 178 3.59 4.67 -7.65
CA TYR A 178 3.13 5.82 -6.86
C TYR A 178 1.97 5.31 -6.02
N ASN A 179 1.94 5.66 -4.73
CA ASN A 179 0.92 5.16 -3.79
C ASN A 179 0.25 6.33 -3.07
N ASP A 180 -1.07 6.34 -3.04
CA ASP A 180 -1.79 7.45 -2.39
C ASP A 180 -3.20 7.00 -2.04
N TYR A 181 -3.83 7.80 -1.18
CA TYR A 181 -5.27 7.70 -0.85
C TYR A 181 -6.06 8.78 -1.61
N GLY A 182 -7.36 8.52 -1.74
CA GLY A 182 -8.23 9.53 -2.37
C GLY A 182 -8.14 9.56 -3.87
N ILE A 183 -7.48 8.56 -4.43
CA ILE A 183 -7.29 8.42 -5.87
C ILE A 183 -8.01 7.19 -6.41
N GLU A 184 -8.94 6.67 -5.63
CA GLU A 184 -9.69 5.43 -5.96
C GLU A 184 -11.03 5.69 -6.66
N ASN A 185 -11.40 6.98 -6.81
CA ASN A 185 -12.66 7.40 -7.44
C ASN A 185 -12.38 8.61 -8.32
N PRO A 186 -13.33 8.98 -9.18
CA PRO A 186 -13.12 10.13 -10.03
C PRO A 186 -12.96 11.41 -9.22
N GLY A 187 -12.10 12.30 -9.69
CA GLY A 187 -11.96 13.56 -9.05
C GLY A 187 -10.67 14.21 -9.38
N THR A 188 -10.45 15.39 -8.79
CA THR A 188 -9.27 16.12 -9.08
C THR A 188 -7.95 15.37 -8.73
N LYS A 189 -7.98 14.63 -7.63
CA LYS A 189 -6.75 13.94 -7.17
C LYS A 189 -6.36 12.84 -8.14
N SER A 190 -7.33 12.03 -8.56
CA SER A 190 -7.06 11.02 -9.58
C SER A 190 -6.55 11.61 -10.92
N THR A 191 -7.15 12.70 -11.35
CA THR A 191 -6.73 13.32 -12.57
C THR A 191 -5.26 13.77 -12.44
N ALA A 192 -4.93 14.30 -11.27
CA ALA A 192 -3.57 14.75 -11.00
C ALA A 192 -2.56 13.58 -11.04
N VAL A 193 -2.95 12.41 -10.58
CA VAL A 193 -2.11 11.22 -10.69
C VAL A 193 -1.80 10.95 -12.16
N LEU A 194 -2.82 11.02 -13.01
CA LEU A 194 -2.60 10.75 -14.42
C LEU A 194 -1.62 11.78 -15.03
N GLN A 195 -1.73 13.04 -14.59
CA GLN A 195 -0.80 14.09 -15.05
C GLN A 195 0.64 13.83 -14.60
N LEU A 196 0.81 13.40 -13.35
CA LEU A 196 2.12 13.04 -12.85
C LEU A 196 2.74 11.91 -13.67
N VAL A 197 1.91 10.93 -14.01
CA VAL A 197 2.36 9.80 -14.84
C VAL A 197 2.83 10.30 -16.24
N SER A 198 1.99 11.10 -16.87
CA SER A 198 2.35 11.72 -18.14
C SER A 198 3.67 12.48 -18.03
N ASN A 199 3.82 13.28 -16.98
CA ASN A 199 5.05 14.07 -16.80
C ASN A 199 6.29 13.18 -16.57
N LEU A 200 6.17 12.12 -15.75
CA LEU A 200 7.26 11.19 -15.59
C LEU A 200 7.69 10.58 -16.94
N ARG A 201 6.72 10.14 -17.72
CA ARG A 201 7.01 9.38 -18.93
C ARG A 201 7.62 10.27 -20.00
N LYS A 202 7.21 11.52 -20.03
CA LYS A 202 7.84 12.48 -20.96
C LYS A 202 9.29 12.73 -20.63
N ARG A 203 9.67 12.54 -19.38
CA ARG A 203 11.06 12.67 -18.99
C ARG A 203 11.86 11.36 -19.16
N GLY A 204 11.25 10.35 -19.76
CA GLY A 204 11.92 9.07 -19.95
C GLY A 204 12.07 8.32 -18.63
N ILE A 205 11.23 8.63 -17.64
CA ILE A 205 11.28 7.95 -16.32
C ILE A 205 10.19 6.89 -16.22
N ARG A 206 10.55 5.69 -15.74
CA ARG A 206 9.63 4.60 -15.60
C ARG A 206 8.75 4.73 -14.38
N ILE A 207 7.46 4.58 -14.64
CA ILE A 207 6.47 4.33 -13.59
C ILE A 207 5.60 3.18 -14.08
N ASP A 208 5.57 2.06 -13.33
CA ASP A 208 4.80 0.87 -13.75
C ASP A 208 3.40 0.79 -13.22
N GLY A 209 3.15 1.42 -12.08
CA GLY A 209 1.87 1.23 -11.40
C GLY A 209 1.47 2.31 -10.46
N VAL A 210 0.17 2.27 -10.14
CA VAL A 210 -0.38 3.08 -9.08
C VAL A 210 -0.94 2.20 -7.96
N GLY A 211 -0.74 2.67 -6.72
CA GLY A 211 -1.24 2.01 -5.52
C GLY A 211 -2.39 2.82 -4.98
N LEU A 212 -3.56 2.19 -4.90
CA LEU A 212 -4.80 2.80 -4.46
C LEU A 212 -5.00 2.40 -2.99
N GLU A 213 -4.66 3.28 -2.06
CA GLU A 213 -4.69 2.87 -0.64
C GLU A 213 -5.99 2.27 -0.23
N SER A 214 -7.07 2.94 -0.55
CA SER A 214 -8.40 2.42 -0.25
C SER A 214 -8.68 2.33 1.26
N HIS A 215 -8.32 3.38 2.01
CA HIS A 215 -8.74 3.51 3.41
C HIS A 215 -10.14 4.12 3.43
N PHE A 216 -11.14 3.27 3.34
CA PHE A 216 -12.53 3.71 3.22
C PHE A 216 -13.23 3.74 4.55
N ILE A 217 -14.40 4.37 4.55
CA ILE A 217 -15.26 4.53 5.72
C ILE A 217 -16.52 3.77 5.46
N VAL A 218 -16.95 2.97 6.44
CA VAL A 218 -18.19 2.18 6.34
C VAL A 218 -19.38 3.08 6.07
N GLY A 219 -20.12 2.75 5.01
CA GLY A 219 -21.25 3.59 4.60
C GLY A 219 -20.90 4.74 3.70
N GLU A 220 -19.63 5.04 3.51
CA GLU A 220 -19.17 6.14 2.65
C GLU A 220 -18.15 5.65 1.60
N THR A 221 -18.22 4.36 1.27
CA THR A 221 -17.28 3.73 0.34
C THR A 221 -17.71 4.03 -1.11
N PRO A 222 -16.76 4.46 -1.96
CA PRO A 222 -17.15 4.73 -3.35
C PRO A 222 -17.74 3.48 -4.01
N SER A 223 -18.68 3.71 -4.92
CA SER A 223 -19.42 2.63 -5.55
C SER A 223 -18.55 1.73 -6.42
N LEU A 224 -19.06 0.55 -6.68
CA LEU A 224 -18.40 -0.37 -7.60
C LEU A 224 -18.10 0.32 -8.93
N ALA A 225 -19.13 0.98 -9.46
CA ALA A 225 -18.98 1.64 -10.78
C ALA A 225 -17.91 2.70 -10.77
N ASP A 226 -17.86 3.52 -9.72
CA ASP A 226 -16.87 4.59 -9.65
C ASP A 226 -15.46 3.98 -9.45
N GLN A 227 -15.34 2.97 -8.57
CA GLN A 227 -14.03 2.39 -8.32
C GLN A 227 -13.53 1.69 -9.59
N LEU A 228 -14.44 0.98 -10.26
CA LEU A 228 -14.09 0.30 -11.50
C LEU A 228 -13.67 1.29 -12.59
N ALA A 229 -14.44 2.35 -12.76
CA ALA A 229 -14.12 3.36 -13.76
C ALA A 229 -12.72 3.93 -13.53
N THR A 230 -12.39 4.20 -12.25
CA THR A 230 -11.10 4.81 -11.94
C THR A 230 -9.95 3.86 -12.20
N LYS A 231 -10.14 2.59 -11.87
CA LYS A 231 -9.10 1.60 -12.15
C LYS A 231 -8.89 1.50 -13.68
N GLN A 232 -9.99 1.44 -14.42
CA GLN A 232 -9.91 1.45 -15.89
C GLN A 232 -9.21 2.65 -16.43
N ALA A 233 -9.39 3.82 -15.85
CA ALA A 233 -8.66 5.03 -16.32
C ALA A 233 -7.15 4.81 -16.17
N TYR A 234 -6.70 4.25 -15.04
CA TYR A 234 -5.29 3.99 -14.86
C TYR A 234 -4.76 2.91 -15.82
N ILE A 235 -5.50 1.84 -15.96
CA ILE A 235 -5.13 0.72 -16.81
C ILE A 235 -5.05 1.16 -18.26
N LYS A 236 -6.02 1.99 -18.68
CA LYS A 236 -6.02 2.51 -20.05
C LYS A 236 -4.83 3.41 -20.34
N ALA A 237 -4.29 4.04 -19.30
CA ALA A 237 -3.05 4.80 -19.30
C ALA A 237 -1.79 3.92 -19.09
N ASN A 238 -1.93 2.61 -19.26
CA ASN A 238 -0.82 1.68 -19.20
C ASN A 238 -0.12 1.64 -17.86
N LEU A 239 -0.95 1.72 -16.82
CA LEU A 239 -0.53 1.49 -15.43
C LEU A 239 -1.11 0.17 -14.90
N ASP A 240 -0.27 -0.65 -14.28
CA ASP A 240 -0.75 -1.72 -13.39
C ASP A 240 -1.37 -0.98 -12.17
N VAL A 241 -2.40 -1.59 -11.57
CA VAL A 241 -3.06 -1.07 -10.41
C VAL A 241 -3.02 -2.12 -9.32
N ALA A 242 -2.66 -1.66 -8.12
CA ALA A 242 -2.86 -2.52 -6.93
C ALA A 242 -3.73 -1.74 -5.96
N VAL A 243 -4.66 -2.45 -5.29
CA VAL A 243 -5.33 -1.90 -4.11
C VAL A 243 -4.38 -2.22 -2.96
N THR A 244 -3.84 -1.19 -2.30
CA THR A 244 -2.63 -1.39 -1.49
C THR A 244 -2.84 -1.42 0.00
N GLU A 245 -3.86 -0.72 0.50
CA GLU A 245 -4.03 -0.57 1.96
C GLU A 245 -5.48 -0.67 2.41
N LEU A 246 -6.23 -1.57 1.79
CA LEU A 246 -7.69 -1.61 1.95
C LEU A 246 -8.08 -1.88 3.39
N ASP A 247 -8.95 -1.03 3.90
CA ASP A 247 -9.70 -1.30 5.13
C ASP A 247 -10.94 -0.43 5.10
N VAL A 248 -11.93 -0.78 5.89
CA VAL A 248 -13.20 -0.07 5.84
C VAL A 248 -13.55 0.18 7.30
N ARG A 249 -13.28 1.41 7.75
CA ARG A 249 -13.35 1.76 9.16
C ARG A 249 -14.70 2.38 9.54
N PHE A 250 -15.13 2.12 10.75
CA PHE A 250 -16.34 2.74 11.28
C PHE A 250 -15.98 4.06 11.91
N SER A 251 -16.72 5.11 11.53
CA SER A 251 -16.51 6.43 12.15
C SER A 251 -17.01 6.52 13.60
N THR A 252 -17.91 5.62 13.97
CA THR A 252 -18.45 5.53 15.33
C THR A 252 -18.74 4.08 15.68
N VAL A 253 -18.70 3.76 16.95
CA VAL A 253 -19.33 2.53 17.44
C VAL A 253 -20.85 2.56 17.11
N PRO A 254 -21.49 1.40 16.98
CA PRO A 254 -20.94 0.05 17.11
C PRO A 254 -20.28 -0.48 15.85
N TYR A 255 -19.29 -1.36 16.06
CA TYR A 255 -18.58 -1.94 14.94
C TYR A 255 -19.03 -3.35 14.58
N TYR A 256 -19.78 -4.01 15.45
CA TYR A 256 -19.94 -5.47 15.37
C TYR A 256 -21.39 -6.00 15.36
N THR A 257 -22.35 -5.09 15.20
CA THR A 257 -23.76 -5.41 15.02
C THR A 257 -23.99 -5.98 13.63
N ALA A 258 -25.14 -6.61 13.42
CA ALA A 258 -25.46 -7.18 12.13
C ALA A 258 -25.49 -6.17 11.01
N ALA A 259 -26.15 -5.03 11.23
CA ALA A 259 -26.30 -4.06 10.14
C ALA A 259 -24.96 -3.41 9.83
N ALA A 260 -24.19 -3.15 10.88
CA ALA A 260 -22.85 -2.56 10.73
C ALA A 260 -21.98 -3.51 9.91
N GLN A 261 -21.98 -4.77 10.28
CA GLN A 261 -21.13 -5.71 9.59
C GLN A 261 -21.55 -6.02 8.16
N LYS A 262 -22.85 -5.94 7.89
CA LYS A 262 -23.36 -6.12 6.52
C LYS A 262 -22.89 -4.95 5.64
N GLN A 263 -23.03 -3.75 6.14
CA GLN A 263 -22.55 -2.58 5.39
C GLN A 263 -21.08 -2.67 5.11
N GLN A 264 -20.30 -2.99 6.13
CA GLN A 264 -18.86 -3.11 5.97
C GLN A 264 -18.53 -4.22 4.98
N ALA A 265 -19.29 -5.32 4.99
CA ALA A 265 -19.08 -6.43 4.04
C ALA A 265 -19.31 -5.97 2.62
N GLU A 266 -20.37 -5.23 2.41
CA GLU A 266 -20.66 -4.69 1.10
C GLU A 266 -19.57 -3.72 0.61
N ASP A 267 -19.03 -2.93 1.52
CA ASP A 267 -18.01 -1.95 1.20
C ASP A 267 -16.69 -2.66 0.78
N TYR A 268 -16.31 -3.71 1.51
CA TYR A 268 -15.19 -4.54 1.13
C TYR A 268 -15.46 -5.23 -0.20
N TYR A 269 -16.68 -5.72 -0.36
CA TYR A 269 -17.08 -6.46 -1.56
C TYR A 269 -16.87 -5.60 -2.81
N VAL A 270 -17.45 -4.40 -2.82
CA VAL A 270 -17.40 -3.57 -4.04
C VAL A 270 -15.94 -3.17 -4.33
N SER A 271 -15.11 -2.99 -3.29
CA SER A 271 -13.75 -2.58 -3.49
C SER A 271 -12.97 -3.72 -4.15
N VAL A 272 -13.17 -4.93 -3.64
CA VAL A 272 -12.52 -6.10 -4.24
C VAL A 272 -13.05 -6.37 -5.66
N ALA A 273 -14.37 -6.36 -5.80
CA ALA A 273 -15.01 -6.61 -7.11
C ALA A 273 -14.48 -5.61 -8.12
N SER A 274 -14.24 -4.36 -7.74
CA SER A 274 -13.73 -3.38 -8.71
C SER A 274 -12.40 -3.80 -9.27
N CYS A 275 -11.57 -4.45 -8.46
CA CYS A 275 -10.31 -4.98 -8.95
C CYS A 275 -10.51 -6.21 -9.83
N MET A 276 -11.40 -7.10 -9.41
CA MET A 276 -11.70 -8.28 -10.26
C MET A 276 -12.18 -7.87 -11.62
N ASN A 277 -13.11 -6.92 -11.64
CA ASN A 277 -13.79 -6.54 -12.90
C ASN A 277 -12.93 -5.67 -13.78
N ALA A 278 -11.83 -5.13 -13.23
CA ALA A 278 -10.86 -4.35 -14.01
C ALA A 278 -9.94 -5.21 -14.86
N GLY A 279 -9.93 -6.51 -14.65
CA GLY A 279 -9.04 -7.40 -15.40
C GLY A 279 -7.64 -7.58 -14.81
N PRO A 280 -6.77 -8.29 -15.54
CA PRO A 280 -5.51 -8.71 -14.96
C PRO A 280 -4.53 -7.59 -14.56
N ARG A 281 -4.69 -6.41 -15.12
CA ARG A 281 -3.77 -5.30 -14.75
C ARG A 281 -4.13 -4.66 -13.42
N CYS A 282 -5.29 -5.01 -12.85
CA CYS A 282 -5.45 -4.82 -11.38
C CYS A 282 -4.90 -6.08 -10.76
N ILE A 283 -3.65 -5.99 -10.34
CA ILE A 283 -2.87 -7.17 -10.02
C ILE A 283 -3.27 -7.88 -8.73
N GLY A 284 -3.97 -7.17 -7.84
CA GLY A 284 -4.41 -7.75 -6.59
C GLY A 284 -4.78 -6.72 -5.58
N VAL A 285 -5.22 -7.23 -4.44
CA VAL A 285 -5.74 -6.46 -3.34
C VAL A 285 -4.91 -6.82 -2.09
N VAL A 286 -4.47 -5.75 -1.39
CA VAL A 286 -3.76 -5.84 -0.14
C VAL A 286 -4.58 -5.07 0.91
N VAL A 287 -4.92 -5.68 2.04
CA VAL A 287 -5.56 -4.98 3.14
C VAL A 287 -4.52 -4.43 4.07
N TRP A 288 -4.82 -3.33 4.79
CA TRP A 288 -3.83 -2.75 5.69
C TRP A 288 -3.94 -3.39 7.06
N ASP A 289 -3.42 -4.60 7.09
CA ASP A 289 -3.57 -5.54 8.21
C ASP A 289 -4.98 -6.10 8.26
N PHE A 290 -5.16 -7.21 8.96
CA PHE A 290 -6.40 -7.98 8.93
C PHE A 290 -7.02 -8.28 10.30
N ASP A 291 -6.38 -7.77 11.34
CA ASP A 291 -6.79 -8.03 12.73
C ASP A 291 -7.03 -6.70 13.44
N ASP A 292 -8.28 -6.47 13.88
CA ASP A 292 -8.65 -5.19 14.52
C ASP A 292 -7.68 -4.84 15.66
N ALA A 293 -7.17 -5.86 16.36
CA ALA A 293 -6.32 -5.55 17.55
C ALA A 293 -5.00 -4.88 17.22
N TYR A 294 -4.59 -4.95 15.95
CA TYR A 294 -3.38 -4.33 15.51
C TYR A 294 -3.61 -3.24 14.50
N SER A 295 -4.85 -2.90 14.23
CA SER A 295 -5.12 -1.85 13.23
C SER A 295 -4.62 -0.48 13.66
N TRP A 296 -4.19 0.29 12.67
CA TRP A 296 -3.79 1.66 12.83
C TRP A 296 -4.94 2.57 13.23
N VAL A 297 -6.18 2.17 12.97
CA VAL A 297 -7.28 3.18 13.05
C VAL A 297 -7.50 3.79 14.42
N PRO A 298 -7.62 2.98 15.50
CA PRO A 298 -8.03 3.64 16.76
C PRO A 298 -7.05 4.65 17.29
N SER A 299 -5.77 4.46 17.04
CA SER A 299 -4.77 5.45 17.53
C SER A 299 -4.74 6.70 16.64
N ALA A 300 -5.21 6.59 15.41
CA ALA A 300 -5.28 7.72 14.49
C ALA A 300 -6.51 8.60 14.73
N PHE A 301 -7.64 7.95 14.99
CA PHE A 301 -8.89 8.65 15.08
C PHE A 301 -9.67 8.13 16.27
N ALA A 302 -9.74 8.93 17.32
CA ALA A 302 -10.48 8.57 18.51
C ALA A 302 -11.93 8.17 18.20
N GLY A 303 -12.27 6.98 18.69
CA GLY A 303 -13.62 6.46 18.56
C GLY A 303 -13.89 5.68 17.27
N GLN A 304 -12.95 5.68 16.33
CA GLN A 304 -13.06 4.92 15.09
C GLN A 304 -12.34 3.59 15.23
N GLY A 305 -12.71 2.64 14.40
CA GLY A 305 -12.13 1.30 14.55
C GLY A 305 -12.91 0.22 13.81
N GLY A 306 -12.63 -1.03 14.17
CA GLY A 306 -13.30 -2.19 13.64
C GLY A 306 -13.11 -2.40 12.16
N ALA A 307 -12.00 -1.90 11.64
CA ALA A 307 -11.85 -1.76 10.19
C ALA A 307 -11.47 -3.02 9.42
N CYS A 308 -11.00 -4.05 10.12
CA CYS A 308 -10.33 -5.20 9.51
C CYS A 308 -11.23 -6.39 9.27
N LEU A 309 -10.74 -7.36 8.50
CA LEU A 309 -11.50 -8.58 8.15
C LEU A 309 -11.77 -9.54 9.33
N PHE A 310 -10.87 -9.52 10.30
CA PHE A 310 -10.96 -10.32 11.52
C PHE A 310 -11.01 -9.39 12.71
N ASN A 311 -11.76 -9.80 13.74
CA ASN A 311 -11.85 -9.02 14.96
C ASN A 311 -10.65 -9.33 15.94
N ASN A 312 -10.73 -8.83 17.18
CA ASN A 312 -9.58 -8.89 18.10
C ASN A 312 -9.19 -10.33 18.49
N THR A 313 -10.16 -11.25 18.44
CA THR A 313 -9.91 -12.66 18.81
C THR A 313 -9.78 -13.51 17.53
N LEU A 314 -9.53 -12.84 16.37
CA LEU A 314 -9.30 -13.50 15.10
C LEU A 314 -10.47 -14.36 14.66
N GLU A 315 -11.67 -13.85 14.93
CA GLU A 315 -12.88 -14.37 14.25
C GLU A 315 -13.14 -13.65 12.92
N ALA A 316 -13.30 -14.40 11.87
CA ALA A 316 -13.58 -13.83 10.55
C ALA A 316 -14.97 -13.24 10.56
N LYS A 317 -15.03 -12.01 10.04
CA LYS A 317 -16.27 -11.24 9.97
C LYS A 317 -17.01 -11.50 8.67
N PRO A 318 -18.28 -11.05 8.60
CA PRO A 318 -18.95 -11.10 7.31
C PRO A 318 -18.07 -10.52 6.16
N ALA A 319 -17.33 -9.46 6.42
CA ALA A 319 -16.47 -8.87 5.39
C ALA A 319 -15.46 -9.90 4.83
N TYR A 320 -14.92 -10.80 5.63
CA TYR A 320 -14.03 -11.85 5.14
C TYR A 320 -14.73 -12.72 4.08
N TYR A 321 -15.92 -13.17 4.41
CA TYR A 321 -16.63 -14.06 3.55
C TYR A 321 -17.10 -13.34 2.27
N ALA A 322 -17.43 -12.06 2.41
CA ALA A 322 -17.78 -11.23 1.27
C ALA A 322 -16.58 -11.06 0.32
N VAL A 323 -15.40 -10.85 0.85
CA VAL A 323 -14.19 -10.76 0.03
C VAL A 323 -14.00 -12.08 -0.73
N ALA A 324 -14.14 -13.22 -0.03
CA ALA A 324 -14.06 -14.53 -0.67
C ALA A 324 -15.06 -14.64 -1.81
N ASP A 325 -16.30 -14.20 -1.60
CA ASP A 325 -17.30 -14.22 -2.68
C ASP A 325 -16.83 -13.38 -3.85
N ALA A 326 -16.37 -12.14 -3.56
CA ALA A 326 -15.90 -11.28 -4.65
C ALA A 326 -14.75 -11.90 -5.43
N LEU A 327 -13.83 -12.52 -4.73
CA LEU A 327 -12.65 -13.14 -5.38
C LEU A 327 -13.07 -14.27 -6.29
N GLU A 328 -14.14 -14.98 -5.94
CA GLU A 328 -14.70 -16.03 -6.79
C GLU A 328 -15.66 -15.53 -7.89
N GLY A 329 -15.92 -14.22 -7.94
CA GLY A 329 -16.86 -13.67 -8.91
C GLY A 329 -18.31 -14.02 -8.58
N LYS A 330 -18.59 -14.31 -7.33
CA LYS A 330 -19.93 -14.72 -6.86
C LYS A 330 -20.59 -13.53 -6.19
N PRO A 331 -21.92 -13.45 -6.27
CA PRO A 331 -22.64 -12.43 -5.47
C PRO A 331 -22.29 -12.50 -4.03
N CYS A 332 -22.40 -11.36 -3.37
CA CYS A 332 -22.17 -11.33 -1.94
C CYS A 332 -23.21 -12.11 -1.14
N SER A 333 -22.77 -13.10 -0.36
CA SER A 333 -23.68 -13.98 0.35
C SER A 333 -24.04 -13.52 1.76
N VAL A 334 -23.37 -12.47 2.25
CA VAL A 334 -23.42 -12.02 3.65
C VAL A 334 -23.66 -10.50 3.78
N CYS A 335 -24.13 -9.87 2.71
CA CYS A 335 -24.29 -8.42 2.66
C CYS A 335 -25.73 -8.05 3.05
C1 NAG B . -15.47 -9.84 17.35
C2 NAG B . -16.77 -10.62 17.38
C3 NAG B . -17.92 -9.69 17.80
C4 NAG B . -17.58 -8.83 19.02
C5 NAG B . -16.20 -8.20 18.95
C6 NAG B . -15.70 -7.47 20.18
C7 NAG B . -17.20 -10.75 14.95
C8 NAG B . -17.49 -11.68 13.83
N2 NAG B . -17.05 -11.32 16.15
O3 NAG B . -19.05 -10.51 18.05
O4 NAG B . -18.48 -7.75 19.21
O5 NAG B . -15.25 -9.24 18.59
O6 NAG B . -14.44 -6.86 20.02
O7 NAG B . -17.02 -9.53 14.79
C1 NAG B . -19.66 -7.93 20.00
C2 NAG B . -20.14 -6.57 20.47
C3 NAG B . -21.42 -6.73 21.27
C4 NAG B . -22.42 -7.60 20.51
C5 NAG B . -21.79 -8.88 19.91
C6 NAG B . -22.70 -9.72 18.99
C7 NAG B . -18.92 -4.57 21.16
C8 NAG B . -18.04 -3.91 22.16
N2 NAG B . -19.23 -5.86 21.32
O3 NAG B . -21.97 -5.43 21.53
O4 NAG B . -23.41 -7.93 21.53
O5 NAG B . -20.62 -8.54 19.18
O6 NAG B . -22.95 -8.91 17.87
O6 NAG B . -22.03 -10.91 18.55
O7 NAG B . -19.34 -3.96 20.14
C1 BMA B . -24.77 -7.63 21.19
C2 BMA B . -25.65 -8.59 22.00
C3 BMA B . -27.13 -8.31 21.74
C4 BMA B . -27.41 -6.82 21.89
C5 BMA B . -26.40 -5.95 21.08
C6 BMA B . -26.63 -4.46 21.34
O2 BMA B . -25.31 -8.54 23.41
O3 BMA B . -27.91 -9.12 22.64
O4 BMA B . -28.76 -6.51 21.49
O5 BMA B . -25.07 -6.29 21.53
O6 BMA B . -26.67 -4.40 22.73
C1 BMA B . -29.01 -10.00 22.26
C2 BMA B . -29.17 -10.48 20.81
C3 BMA B . -28.49 -11.80 20.49
C4 BMA B . -27.64 -12.23 21.68
C5 BMA B . -28.52 -12.31 22.92
C6 BMA B . -27.75 -12.78 24.13
O2 BMA B . -28.78 -9.51 19.86
O3 BMA B . -27.74 -11.70 19.28
O4 BMA B . -27.08 -13.50 21.38
O5 BMA B . -29.15 -11.06 23.21
O6 BMA B . -28.60 -13.26 25.13
C1 BMA B . -26.66 -3.18 23.47
C2 BMA B . -26.05 -1.83 23.10
C3 BMA B . -25.06 -1.88 24.24
C4 BMA B . -25.82 -2.06 25.56
C5 BMA B . -26.83 -3.22 25.49
C6 BMA B . -27.60 -3.47 26.78
O2 BMA B . -26.90 -0.73 23.40
O3 BMA B . -24.18 -0.77 24.19
O4 BMA B . -24.88 -2.32 26.59
O5 BMA B . -27.70 -3.05 24.39
O6 BMA B . -28.16 -2.23 27.13
C1 NAG C . 20.23 -2.15 13.97
C2 NAG C . 21.12 -2.00 15.21
C3 NAG C . 20.55 -2.78 16.42
C4 NAG C . 19.05 -3.09 16.37
C5 NAG C . 18.59 -3.37 14.96
C6 NAG C . 17.09 -3.65 14.91
C7 NAG C . 23.52 -1.66 14.67
C8 NAG C . 24.80 -2.32 14.31
N2 NAG C . 22.46 -2.45 14.87
O3 NAG C . 20.76 -2.02 17.59
O4 NAG C . 18.73 -4.19 17.20
O5 NAG C . 18.87 -2.20 14.26
O6 NAG C . 16.44 -2.92 15.92
O7 NAG C . 23.50 -0.43 14.76
#